data_7A0Q
#
_entry.id   7A0Q
#
_cell.length_a   121.327
_cell.length_b   70.201
_cell.length_c   51.260
_cell.angle_alpha   90.000
_cell.angle_beta   103.546
_cell.angle_gamma   90.000
#
_symmetry.space_group_name_H-M   'C 1 2 1'
#
loop_
_entity.id
_entity.type
_entity.pdbx_description
1 polymer 'CrtC domain-containing protein'
2 branched alpha-D-mannopyranose-(1-2)-alpha-D-mannopyranose
3 branched alpha-D-mannopyranose-(1-2)-alpha-D-mannopyranose-(1-6)-[alpha-D-mannopyranose-(1-3)]alpha-D-mannopyranose-(1-6)-beta-D-mannopyranose-(1-4)-2-acetamido-2-deoxy-beta-D-glucopyranose-(1-4)-2-acetamido-2-deoxy-beta-D-glucopyranose
4 non-polymer 2-acetamido-2-deoxy-beta-D-glucopyranose
5 non-polymer 'MAGNESIUM ION'
6 non-polymer IMIDAZOLE
7 water water
#
_entity_poly.entity_id   1
_entity_poly.type   'polypeptide(L)'
_entity_poly.pdbx_seq_one_letter_code
;MRASFLLTAGLATAAVGRAKSVPKKFPFKPENSKTTGTNAIPIVYGLSESQPNSVGGSWWSSSYITTTNNEQYVVLAHYL
DNPVYTYFRASTLNLETNEYHQYVTVGSSTPNITTLDVSVGNNGIKSESEDNLSKLRSYSNHDNVTFDITYDATTGAVAN
GGAGTFQFGEGLTWEFGLPSAKTEGSLTVHGEKLAIDPAKSHTWYDRQWGNTAAIPSNWTWFQLHIPSTEYKISAWIFSD
PFRNTETRFATIRGANDETLVLPLEFTPIYKRTYESATGRVTYPLDWKLKISGFGDFKLSSYTEDQELVGEDALQTAYEG
FITFSGNVHSKPVQGYGLVEIVYSTWDV
;
_entity_poly.pdbx_strand_id   A
#
# COMPACT_ATOMS: atom_id res chain seq x y z
N LYS A 25 19.37 7.24 8.37
CA LYS A 25 18.69 6.65 7.22
C LYS A 25 17.83 5.47 7.67
N PHE A 26 16.68 5.31 7.02
CA PHE A 26 15.84 4.18 7.36
C PHE A 26 16.43 2.90 6.78
N PRO A 27 16.30 1.76 7.48
CA PRO A 27 16.92 0.50 7.04
C PRO A 27 16.11 -0.24 5.96
N PHE A 28 15.77 0.47 4.89
CA PHE A 28 15.11 -0.15 3.75
C PHE A 28 15.98 -1.26 3.16
N LYS A 29 15.38 -2.43 2.93
CA LYS A 29 16.09 -3.52 2.27
C LYS A 29 15.09 -4.57 1.82
N PRO A 30 15.38 -5.32 0.76
CA PRO A 30 14.42 -6.33 0.29
C PRO A 30 14.55 -7.64 1.03
N GLU A 31 13.49 -8.43 0.97
CA GLU A 31 13.61 -9.83 1.31
C GLU A 31 14.11 -10.61 0.12
N ASN A 32 14.51 -11.85 0.38
CA ASN A 32 14.96 -12.75 -0.69
C ASN A 32 14.35 -14.13 -0.44
N SER A 33 13.03 -14.18 -0.41
N SER A 33 13.03 -14.19 -0.41
CA SER A 33 12.26 -15.38 -0.09
CA SER A 33 12.30 -15.42 -0.13
C SER A 33 11.38 -15.78 -1.28
C SER A 33 11.34 -15.75 -1.25
N LYS A 34 10.67 -16.89 -1.12
CA LYS A 34 9.69 -17.33 -2.09
C LYS A 34 8.34 -16.68 -1.79
N THR A 35 7.62 -16.32 -2.85
CA THR A 35 6.42 -15.48 -2.70
C THR A 35 5.32 -16.16 -1.91
N THR A 36 5.09 -17.45 -2.14
CA THR A 36 4.04 -18.18 -1.45
C THR A 36 4.61 -19.16 -0.43
N GLY A 37 5.92 -19.11 -0.19
CA GLY A 37 6.53 -19.90 0.87
C GLY A 37 6.35 -21.38 0.66
N THR A 38 5.87 -22.05 1.70
CA THR A 38 5.65 -23.49 1.63
C THR A 38 4.37 -23.89 0.90
N ASN A 39 3.47 -22.93 0.65
CA ASN A 39 2.12 -23.18 0.12
C ASN A 39 1.30 -24.11 1.01
N ALA A 40 1.68 -24.21 2.28
CA ALA A 40 0.99 -25.07 3.23
C ALA A 40 -0.36 -24.52 3.63
N ILE A 41 -0.52 -23.20 3.62
CA ILE A 41 -1.78 -22.55 3.96
C ILE A 41 -2.59 -22.43 2.67
N PRO A 42 -3.79 -23.00 2.61
CA PRO A 42 -4.55 -23.07 1.34
C PRO A 42 -5.31 -21.77 1.04
N ILE A 43 -4.56 -20.77 0.59
CA ILE A 43 -5.17 -19.47 0.28
C ILE A 43 -6.13 -19.62 -0.91
N VAL A 44 -7.05 -18.66 -1.03
CA VAL A 44 -8.20 -18.88 -1.91
C VAL A 44 -7.97 -18.45 -3.35
N TYR A 45 -6.72 -18.18 -3.74
CA TYR A 45 -6.43 -17.88 -5.15
C TYR A 45 -4.96 -18.16 -5.43
N GLY A 46 -4.66 -18.25 -6.72
CA GLY A 46 -3.28 -18.15 -7.20
C GLY A 46 -2.92 -16.68 -7.42
N LEU A 47 -1.71 -16.32 -6.99
N LEU A 47 -1.72 -16.31 -6.97
CA LEU A 47 -1.30 -14.92 -7.10
CA LEU A 47 -1.29 -14.92 -7.11
C LEU A 47 -1.12 -14.49 -8.56
C LEU A 47 -1.19 -14.53 -8.58
N SER A 48 -0.52 -15.35 -9.38
CA SER A 48 -0.24 -14.98 -10.77
C SER A 48 -1.53 -14.76 -11.54
N GLU A 49 -2.50 -15.64 -11.35
CA GLU A 49 -3.79 -15.59 -12.04
C GLU A 49 -4.65 -14.42 -11.57
N SER A 50 -4.34 -13.85 -10.41
CA SER A 50 -5.10 -12.74 -9.85
C SER A 50 -4.62 -11.38 -10.35
N GLN A 51 -3.51 -11.34 -11.10
CA GLN A 51 -2.90 -10.08 -11.51
C GLN A 51 -3.46 -9.42 -12.78
N PRO A 52 -3.97 -10.16 -13.77
CA PRO A 52 -4.31 -9.51 -15.05
C PRO A 52 -5.44 -8.48 -14.96
N ASN A 53 -5.44 -7.60 -15.95
CA ASN A 53 -6.50 -6.60 -16.11
C ASN A 53 -7.89 -7.20 -15.97
N SER A 54 -8.12 -8.37 -16.58
CA SER A 54 -9.47 -8.94 -16.62
C SER A 54 -10.03 -9.15 -15.23
N VAL A 55 -9.17 -9.28 -14.21
CA VAL A 55 -9.67 -9.54 -12.86
C VAL A 55 -10.28 -8.29 -12.26
N GLY A 56 -9.85 -7.11 -12.72
CA GLY A 56 -10.41 -5.85 -12.27
C GLY A 56 -9.79 -5.40 -10.96
N GLY A 57 -10.29 -4.28 -10.45
CA GLY A 57 -9.96 -3.83 -9.11
C GLY A 57 -8.81 -2.81 -9.07
N SER A 58 -7.85 -3.04 -8.19
CA SER A 58 -6.86 -2.04 -7.80
C SER A 58 -5.47 -2.67 -7.81
N TRP A 59 -4.49 -1.90 -8.30
CA TRP A 59 -3.08 -2.30 -8.35
C TRP A 59 -2.29 -1.15 -7.73
N TRP A 60 -1.40 -1.46 -6.78
CA TRP A 60 -0.86 -0.42 -5.90
C TRP A 60 0.55 -0.77 -5.46
N SER A 61 1.43 0.23 -5.41
CA SER A 61 2.78 -0.01 -4.93
C SER A 61 3.28 1.18 -4.13
N SER A 62 3.98 0.89 -3.05
CA SER A 62 4.74 1.89 -2.29
C SER A 62 6.19 1.45 -2.20
N SER A 63 7.08 2.21 -2.83
CA SER A 63 8.50 1.86 -2.87
C SER A 63 9.25 2.71 -1.85
N TYR A 64 9.98 2.04 -0.97
CA TYR A 64 10.84 2.68 0.02
C TYR A 64 12.26 2.62 -0.54
N ILE A 65 12.78 3.76 -0.98
CA ILE A 65 13.92 3.82 -1.88
C ILE A 65 15.11 4.48 -1.19
N THR A 66 16.28 3.87 -1.31
CA THR A 66 17.55 4.58 -1.17
C THR A 66 18.19 4.62 -2.56
N THR A 67 18.61 5.81 -3.00
CA THR A 67 19.27 5.92 -4.29
C THR A 67 20.76 5.61 -4.14
N THR A 68 21.44 5.47 -5.29
CA THR A 68 22.86 5.18 -5.26
C THR A 68 23.68 6.35 -4.74
N ASN A 69 23.11 7.56 -4.71
CA ASN A 69 23.76 8.69 -4.05
C ASN A 69 23.18 8.97 -2.66
N ASN A 70 22.58 7.94 -2.03
CA ASN A 70 22.24 7.91 -0.60
C ASN A 70 21.08 8.81 -0.22
N GLU A 71 20.20 9.15 -1.15
CA GLU A 71 18.97 9.86 -0.82
C GLU A 71 17.82 8.86 -0.64
N GLN A 72 16.88 9.20 0.22
CA GLN A 72 15.75 8.31 0.47
C GLN A 72 14.43 8.96 0.07
N TYR A 73 13.56 8.15 -0.54
CA TYR A 73 12.28 8.60 -1.04
C TYR A 73 11.25 7.52 -0.75
N VAL A 74 9.99 7.92 -0.67
CA VAL A 74 8.87 6.99 -0.71
C VAL A 74 8.05 7.35 -1.95
N VAL A 75 7.84 6.37 -2.82
CA VAL A 75 7.17 6.60 -4.10
C VAL A 75 5.94 5.72 -4.18
N LEU A 76 4.80 6.32 -4.50
CA LEU A 76 3.53 5.64 -4.57
C LEU A 76 3.02 5.59 -6.01
N ALA A 77 2.45 4.46 -6.40
CA ALA A 77 1.78 4.32 -7.68
C ALA A 77 0.50 3.53 -7.47
N HIS A 78 -0.59 3.97 -8.10
CA HIS A 78 -1.87 3.31 -7.88
C HIS A 78 -2.77 3.45 -9.10
N TYR A 79 -3.27 2.32 -9.62
CA TYR A 79 -4.28 2.32 -10.68
C TYR A 79 -5.56 1.69 -10.13
N LEU A 80 -6.69 2.36 -10.39
CA LEU A 80 -7.99 1.85 -9.96
C LEU A 80 -8.90 1.73 -11.17
N ASP A 81 -9.48 0.54 -11.35
CA ASP A 81 -10.57 0.36 -12.31
C ASP A 81 -11.90 0.48 -11.59
N ASN A 82 -12.81 1.25 -12.16
CA ASN A 82 -14.12 1.52 -11.56
C ASN A 82 -15.13 1.62 -12.70
N PRO A 83 -16.40 1.27 -12.45
CA PRO A 83 -17.38 1.31 -13.56
C PRO A 83 -17.58 2.69 -14.16
N VAL A 84 -17.37 3.76 -13.39
CA VAL A 84 -17.59 5.12 -13.89
C VAL A 84 -16.36 5.67 -14.59
N TYR A 85 -15.17 5.38 -14.05
CA TYR A 85 -13.93 5.92 -14.61
C TYR A 85 -12.79 5.05 -14.12
N THR A 86 -11.62 5.26 -14.69
CA THR A 86 -10.39 4.73 -14.16
C THR A 86 -9.52 5.88 -13.68
N TYR A 87 -8.49 5.56 -12.91
CA TYR A 87 -7.50 6.59 -12.66
C TYR A 87 -6.16 5.96 -12.34
N PHE A 88 -5.11 6.73 -12.58
CA PHE A 88 -3.78 6.46 -12.06
C PHE A 88 -3.37 7.65 -11.21
N ARG A 89 -2.77 7.36 -10.07
CA ARG A 89 -2.27 8.42 -9.20
C ARG A 89 -0.92 8.00 -8.62
N ALA A 90 -0.10 8.99 -8.30
CA ALA A 90 1.27 8.70 -7.89
C ALA A 90 1.80 9.87 -7.08
N SER A 91 2.80 9.59 -6.26
CA SER A 91 3.42 10.64 -5.46
C SER A 91 4.88 10.29 -5.18
N THR A 92 5.66 11.31 -4.85
CA THR A 92 7.02 11.14 -4.36
C THR A 92 7.20 11.97 -3.11
N LEU A 93 7.94 11.43 -2.14
CA LEU A 93 8.26 12.12 -0.91
C LEU A 93 9.76 12.02 -0.69
N ASN A 94 10.42 13.17 -0.57
CA ASN A 94 11.83 13.23 -0.22
C ASN A 94 11.96 13.19 1.30
N LEU A 95 12.61 12.15 1.83
CA LEU A 95 12.64 11.97 3.28
C LEU A 95 13.60 12.93 3.97
N GLU A 96 14.52 13.55 3.21
CA GLU A 96 15.41 14.53 3.82
C GLU A 96 14.74 15.90 3.95
N THR A 97 14.04 16.34 2.91
CA THR A 97 13.53 17.71 2.84
C THR A 97 12.03 17.82 3.02
N ASN A 98 11.30 16.70 3.02
CA ASN A 98 9.84 16.62 3.03
C ASN A 98 9.21 17.10 1.72
N GLU A 99 10.00 17.35 0.68
CA GLU A 99 9.42 17.78 -0.58
C GLU A 99 8.52 16.69 -1.15
N TYR A 100 7.30 17.06 -1.52
CA TYR A 100 6.25 16.10 -1.88
C TYR A 100 5.56 16.56 -3.15
N HIS A 101 5.36 15.63 -4.09
CA HIS A 101 4.64 15.89 -5.32
C HIS A 101 3.65 14.77 -5.57
N GLN A 102 2.48 15.12 -6.10
CA GLN A 102 1.45 14.12 -6.36
C GLN A 102 0.59 14.56 -7.53
N TYR A 103 -0.09 13.59 -8.14
CA TYR A 103 -1.13 13.90 -9.12
C TYR A 103 -2.08 12.71 -9.21
N VAL A 104 -3.26 13.00 -9.75
CA VAL A 104 -4.28 12.02 -10.10
C VAL A 104 -4.70 12.30 -11.53
N THR A 105 -4.68 11.29 -12.38
CA THR A 105 -5.09 11.44 -13.78
C THR A 105 -6.19 10.44 -14.10
N VAL A 106 -7.27 10.92 -14.72
CA VAL A 106 -8.50 10.16 -14.84
C VAL A 106 -8.60 9.61 -16.26
N GLY A 107 -8.89 8.32 -16.36
CA GLY A 107 -9.16 7.65 -17.62
C GLY A 107 -10.62 7.22 -17.72
N SER A 108 -10.90 6.49 -18.79
CA SER A 108 -12.28 6.05 -19.02
C SER A 108 -12.48 4.56 -18.86
N SER A 109 -11.53 3.72 -19.27
CA SER A 109 -11.74 2.28 -19.23
C SER A 109 -10.42 1.54 -19.07
N THR A 110 -10.53 0.26 -18.72
CA THR A 110 -9.40 -0.65 -18.59
C THR A 110 -9.53 -1.75 -19.62
N PRO A 111 -8.54 -1.93 -20.50
CA PRO A 111 -8.62 -3.03 -21.47
C PRO A 111 -8.80 -4.37 -20.79
N ASN A 112 -9.73 -5.16 -21.29
CA ASN A 112 -10.03 -6.48 -20.72
C ASN A 112 -9.11 -7.49 -21.41
N ILE A 113 -7.94 -7.70 -20.83
CA ILE A 113 -6.91 -8.56 -21.39
C ILE A 113 -6.41 -9.51 -20.31
N THR A 114 -5.72 -10.56 -20.75
CA THR A 114 -5.28 -11.63 -19.86
C THR A 114 -3.89 -11.39 -19.27
N THR A 115 -3.33 -10.21 -19.50
CA THR A 115 -2.06 -9.80 -18.91
C THR A 115 -2.31 -8.58 -18.03
N LEU A 116 -1.28 -8.18 -17.28
CA LEU A 116 -1.34 -6.99 -16.44
C LEU A 116 -0.66 -5.85 -17.20
N ASP A 117 -1.47 -4.87 -17.61
CA ASP A 117 -0.95 -3.67 -18.28
C ASP A 117 -2.05 -2.61 -18.15
N VAL A 118 -2.01 -1.86 -17.05
CA VAL A 118 -3.02 -0.84 -16.76
C VAL A 118 -2.34 0.53 -16.84
N SER A 119 -3.03 1.49 -17.44
CA SER A 119 -2.42 2.79 -17.64
C SER A 119 -3.47 3.86 -17.85
N VAL A 120 -3.08 5.09 -17.52
CA VAL A 120 -3.76 6.30 -17.99
C VAL A 120 -2.67 7.16 -18.61
N GLY A 121 -2.73 7.35 -19.92
CA GLY A 121 -1.61 8.03 -20.55
C GLY A 121 -0.35 7.19 -20.47
N ASN A 122 0.79 7.88 -20.36
CA ASN A 122 2.09 7.21 -20.25
C ASN A 122 2.47 6.94 -18.79
N ASN A 123 1.50 6.51 -17.99
CA ASN A 123 1.67 6.23 -16.57
C ASN A 123 0.89 4.96 -16.28
N GLY A 124 1.45 4.07 -15.46
CA GLY A 124 0.67 2.89 -15.10
C GLY A 124 1.48 1.85 -14.36
N ILE A 125 0.93 0.64 -14.33
CA ILE A 125 1.53 -0.52 -13.69
C ILE A 125 1.42 -1.68 -14.67
N LYS A 126 2.51 -2.40 -14.89
CA LYS A 126 2.44 -3.51 -15.82
C LYS A 126 3.34 -4.63 -15.37
N SER A 127 3.00 -5.84 -15.80
CA SER A 127 3.87 -6.97 -15.55
C SER A 127 4.87 -7.10 -16.69
N GLU A 128 6.11 -7.43 -16.33
CA GLU A 128 7.18 -7.72 -17.29
C GLU A 128 7.63 -9.17 -17.12
N SER A 129 6.73 -10.04 -16.67
CA SER A 129 7.07 -11.43 -16.39
C SER A 129 5.85 -12.30 -16.65
N GLU A 130 6.09 -13.52 -17.12
N GLU A 130 6.09 -13.51 -17.14
CA GLU A 130 4.97 -14.42 -17.40
CA GLU A 130 4.98 -14.43 -17.39
C GLU A 130 4.23 -14.81 -16.13
C GLU A 130 4.23 -14.77 -16.12
N ASP A 131 4.92 -14.86 -14.99
CA ASP A 131 4.29 -15.21 -13.72
C ASP A 131 3.68 -14.01 -12.99
N ASN A 132 3.83 -12.80 -13.52
CA ASN A 132 3.28 -11.58 -12.92
C ASN A 132 3.78 -11.36 -11.50
N LEU A 133 5.00 -11.83 -11.20
CA LEU A 133 5.58 -11.72 -9.87
C LEU A 133 7.09 -11.41 -9.94
N SER A 134 7.78 -12.06 -10.87
CA SER A 134 9.25 -11.93 -10.95
C SER A 134 9.67 -10.57 -11.48
N LYS A 135 8.82 -9.88 -12.24
CA LYS A 135 9.12 -8.52 -12.65
C LYS A 135 7.82 -7.78 -12.89
N LEU A 136 7.59 -6.74 -12.09
CA LEU A 136 6.48 -5.82 -12.21
C LEU A 136 7.06 -4.42 -12.34
N ARG A 137 6.30 -3.50 -12.92
CA ARG A 137 6.79 -2.15 -13.18
C ARG A 137 5.73 -1.13 -12.82
N SER A 138 6.10 -0.15 -11.99
CA SER A 138 5.29 1.04 -11.72
C SER A 138 6.00 2.23 -12.34
N TYR A 139 5.32 2.96 -13.22
CA TYR A 139 5.99 4.03 -13.94
C TYR A 139 5.09 5.24 -14.10
N SER A 140 5.73 6.41 -14.17
CA SER A 140 5.03 7.69 -14.24
C SER A 140 5.86 8.63 -15.07
N ASN A 141 5.18 9.42 -15.93
CA ASN A 141 5.82 10.40 -16.81
C ASN A 141 4.96 11.65 -16.78
N HIS A 142 4.94 12.26 -15.62
CA HIS A 142 4.16 13.45 -15.32
C HIS A 142 5.12 14.49 -14.78
N ASP A 143 4.86 15.76 -15.10
CA ASP A 143 5.73 16.80 -14.60
C ASP A 143 5.76 16.75 -13.08
N ASN A 144 6.98 16.73 -12.53
CA ASN A 144 7.30 16.65 -11.11
C ASN A 144 6.93 15.31 -10.46
N VAL A 145 6.40 14.34 -11.22
CA VAL A 145 6.27 12.97 -10.73
C VAL A 145 6.65 12.02 -11.86
N THR A 146 7.94 11.73 -11.97
CA THR A 146 8.47 10.89 -13.05
C THR A 146 9.36 9.83 -12.45
N PHE A 147 9.08 8.56 -12.75
CA PHE A 147 9.86 7.46 -12.21
C PHE A 147 9.58 6.23 -13.05
N ASP A 148 10.43 5.23 -12.88
CA ASP A 148 10.31 3.98 -13.64
C ASP A 148 10.92 2.90 -12.75
N ILE A 149 10.06 2.22 -11.99
CA ILE A 149 10.47 1.35 -10.90
C ILE A 149 10.04 -0.07 -11.23
N THR A 150 10.99 -1.01 -11.17
CA THR A 150 10.65 -2.41 -11.33
C THR A 150 10.87 -3.15 -10.03
N TYR A 151 10.11 -4.23 -9.82
CA TYR A 151 10.28 -4.96 -8.57
C TYR A 151 9.95 -6.43 -8.80
N ASP A 152 10.55 -7.26 -7.95
CA ASP A 152 10.56 -8.71 -8.06
C ASP A 152 10.08 -9.25 -6.72
N ALA A 153 9.02 -10.06 -6.73
CA ALA A 153 8.31 -10.43 -5.51
C ALA A 153 9.04 -11.51 -4.72
N THR A 154 10.29 -11.18 -4.36
CA THR A 154 11.16 -11.99 -3.53
C THR A 154 10.79 -11.93 -2.05
N THR A 155 9.49 -12.07 -1.74
CA THR A 155 8.98 -11.69 -0.44
C THR A 155 7.71 -12.48 -0.15
N GLY A 156 7.60 -12.99 1.08
CA GLY A 156 6.45 -13.81 1.45
C GLY A 156 5.16 -12.99 1.49
N ALA A 157 4.11 -13.51 0.85
CA ALA A 157 2.87 -12.75 0.72
C ALA A 157 2.15 -12.60 2.06
N VAL A 158 1.50 -11.44 2.21
CA VAL A 158 0.52 -11.19 3.28
C VAL A 158 -0.84 -11.52 2.68
N ALA A 159 -1.45 -12.60 3.16
CA ALA A 159 -2.75 -13.05 2.67
C ALA A 159 -3.80 -12.49 3.63
N ASN A 160 -4.37 -11.33 3.27
CA ASN A 160 -5.26 -10.62 4.19
C ASN A 160 -6.40 -11.51 4.62
N GLY A 161 -6.73 -11.44 5.92
CA GLY A 161 -7.78 -12.28 6.46
C GLY A 161 -7.34 -13.69 6.78
N GLY A 162 -6.11 -14.04 6.47
CA GLY A 162 -5.56 -15.35 6.74
C GLY A 162 -5.42 -16.18 5.48
N ALA A 163 -6.42 -16.12 4.61
CA ALA A 163 -6.42 -16.88 3.36
C ALA A 163 -6.60 -16.00 2.13
N GLY A 164 -6.62 -14.68 2.30
CA GLY A 164 -6.59 -13.76 1.18
C GLY A 164 -7.88 -13.02 0.91
N THR A 165 -8.93 -13.26 1.72
CA THR A 165 -10.23 -12.64 1.49
C THR A 165 -10.88 -12.26 2.81
N PHE A 166 -11.69 -11.21 2.78
CA PHE A 166 -12.45 -10.81 3.96
C PHE A 166 -13.63 -9.93 3.53
N GLN A 167 -14.55 -9.69 4.47
CA GLN A 167 -15.73 -8.89 4.18
C GLN A 167 -15.39 -7.40 4.13
N PHE A 168 -15.80 -6.72 3.06
CA PHE A 168 -15.37 -5.35 2.77
C PHE A 168 -16.55 -4.63 2.12
N GLY A 169 -17.24 -3.81 2.91
CA GLY A 169 -18.48 -3.23 2.44
C GLY A 169 -19.59 -4.26 2.48
N GLU A 170 -20.48 -4.21 1.50
CA GLU A 170 -21.61 -5.13 1.49
C GLU A 170 -21.23 -6.54 1.07
N GLY A 171 -20.03 -6.74 0.52
CA GLY A 171 -19.62 -8.05 0.04
C GLY A 171 -18.16 -8.35 0.35
N LEU A 172 -17.50 -9.04 -0.57
CA LEU A 172 -16.17 -9.58 -0.34
C LEU A 172 -15.09 -8.74 -1.01
N THR A 173 -13.92 -8.71 -0.40
CA THR A 173 -12.71 -8.28 -1.09
C THR A 173 -11.68 -9.39 -1.05
N TRP A 174 -10.78 -9.36 -2.03
CA TRP A 174 -9.63 -10.25 -2.10
C TRP A 174 -8.40 -9.37 -2.15
N GLU A 175 -7.44 -9.64 -1.28
CA GLU A 175 -6.29 -8.74 -1.18
C GLU A 175 -5.04 -9.50 -0.74
N PHE A 176 -3.92 -9.27 -1.42
CA PHE A 176 -2.63 -9.74 -0.94
C PHE A 176 -1.60 -8.63 -1.07
N GLY A 177 -0.63 -8.67 -0.15
CA GLY A 177 0.48 -7.74 -0.15
C GLY A 177 1.78 -8.51 -0.35
N LEU A 178 2.69 -7.93 -1.13
CA LEU A 178 4.04 -8.47 -1.29
C LEU A 178 4.95 -7.43 -0.64
N PRO A 179 5.40 -7.65 0.60
CA PRO A 179 5.85 -6.50 1.44
C PRO A 179 7.22 -5.92 1.14
N SER A 180 8.17 -6.76 0.72
N SER A 180 8.20 -6.76 0.76
CA SER A 180 9.58 -6.34 0.66
CA SER A 180 9.58 -6.33 0.66
C SER A 180 10.23 -6.82 -0.64
C SER A 180 10.20 -6.85 -0.64
N ALA A 181 9.59 -6.48 -1.76
CA ALA A 181 10.08 -6.90 -3.07
C ALA A 181 11.37 -6.18 -3.44
N LYS A 182 12.32 -6.94 -4.01
CA LYS A 182 13.52 -6.34 -4.57
C LYS A 182 13.15 -5.31 -5.63
N THR A 183 13.78 -4.13 -5.55
CA THR A 183 13.40 -2.96 -6.33
C THR A 183 14.60 -2.40 -7.08
N GLU A 184 14.39 -2.06 -8.35
CA GLU A 184 15.40 -1.43 -9.21
C GLU A 184 14.74 -0.33 -10.01
N GLY A 185 15.55 0.46 -10.72
CA GLY A 185 15.04 1.46 -11.64
C GLY A 185 15.49 2.86 -11.24
N SER A 186 14.62 3.83 -11.50
CA SER A 186 15.00 5.22 -11.29
C SER A 186 13.80 6.08 -10.91
N LEU A 187 14.11 7.23 -10.33
CA LEU A 187 13.15 8.31 -10.19
C LEU A 187 13.86 9.59 -10.57
N THR A 188 13.14 10.49 -11.21
CA THR A 188 13.72 11.72 -11.71
C THR A 188 13.29 12.86 -10.80
N VAL A 189 14.25 13.55 -10.20
CA VAL A 189 13.97 14.65 -9.28
C VAL A 189 14.76 15.86 -9.72
N HIS A 190 14.05 16.95 -10.03
CA HIS A 190 14.67 18.21 -10.45
C HIS A 190 15.60 18.00 -11.64
N GLY A 191 15.09 17.29 -12.66
CA GLY A 191 15.84 17.01 -13.85
C GLY A 191 16.88 15.91 -13.72
N GLU A 192 17.25 15.52 -12.51
CA GLU A 192 18.28 14.50 -12.31
C GLU A 192 17.64 13.14 -12.15
N LYS A 193 18.04 12.20 -13.00
CA LYS A 193 17.58 10.81 -12.92
C LYS A 193 18.45 10.07 -11.92
N LEU A 194 17.86 9.68 -10.79
CA LEU A 194 18.58 8.97 -9.75
C LEU A 194 18.31 7.47 -9.84
N ALA A 195 19.35 6.68 -9.65
CA ALA A 195 19.25 5.23 -9.72
C ALA A 195 18.93 4.65 -8.35
N ILE A 196 18.00 3.69 -8.34
CA ILE A 196 17.61 3.01 -7.11
C ILE A 196 18.68 2.01 -6.71
N ASP A 197 19.05 1.99 -5.43
CA ASP A 197 19.98 1.00 -4.92
C ASP A 197 19.20 -0.22 -4.47
N PRO A 198 19.26 -1.35 -5.20
CA PRO A 198 18.44 -2.51 -4.81
C PRO A 198 18.83 -3.12 -3.47
N ALA A 199 20.04 -2.86 -2.95
CA ALA A 199 20.39 -3.41 -1.66
C ALA A 199 19.74 -2.67 -0.50
N LYS A 200 19.24 -1.46 -0.74
CA LYS A 200 18.76 -0.60 0.33
C LYS A 200 17.39 -0.03 -0.01
N SER A 201 16.57 -0.83 -0.68
CA SER A 201 15.25 -0.42 -1.13
C SER A 201 14.31 -1.62 -1.03
N HIS A 202 13.01 -1.36 -0.99
CA HIS A 202 12.04 -2.44 -1.18
C HIS A 202 10.70 -1.84 -1.55
N THR A 203 9.84 -2.67 -2.14
CA THR A 203 8.53 -2.22 -2.56
C THR A 203 7.48 -3.13 -1.93
N TRP A 204 6.43 -2.52 -1.37
CA TRP A 204 5.23 -3.24 -0.98
C TRP A 204 4.26 -3.09 -2.15
N TYR A 205 3.96 -4.20 -2.80
CA TYR A 205 2.96 -4.25 -3.85
C TYR A 205 1.68 -4.82 -3.26
N ASP A 206 0.57 -4.10 -3.44
CA ASP A 206 -0.71 -4.54 -2.88
C ASP A 206 -1.73 -4.70 -4.01
N ARG A 207 -2.35 -5.87 -4.06
CA ARG A 207 -3.32 -6.20 -5.09
C ARG A 207 -4.67 -6.45 -4.44
N GLN A 208 -5.71 -5.77 -4.91
CA GLN A 208 -7.01 -5.89 -4.27
C GLN A 208 -8.11 -5.81 -5.29
N TRP A 209 -9.10 -6.70 -5.18
CA TRP A 209 -10.25 -6.66 -6.08
C TRP A 209 -11.47 -7.13 -5.31
N GLY A 210 -12.67 -6.77 -5.79
CA GLY A 210 -13.88 -7.02 -5.02
C GLY A 210 -15.05 -7.40 -5.89
N ASN A 211 -16.18 -7.68 -5.24
CA ASN A 211 -17.40 -8.12 -5.93
C ASN A 211 -18.58 -7.18 -5.69
N THR A 212 -18.35 -5.99 -5.14
CA THR A 212 -19.46 -5.09 -4.83
C THR A 212 -19.05 -3.65 -5.03
N ALA A 213 -19.99 -2.84 -5.53
CA ALA A 213 -19.78 -1.40 -5.57
C ALA A 213 -19.98 -0.74 -4.21
N ALA A 214 -20.71 -1.40 -3.30
CA ALA A 214 -21.00 -0.82 -1.99
C ALA A 214 -19.83 -1.14 -1.05
N ILE A 215 -18.78 -0.33 -1.18
CA ILE A 215 -17.61 -0.48 -0.33
C ILE A 215 -17.81 0.40 0.91
N PRO A 216 -16.95 0.32 1.93
CA PRO A 216 -17.16 1.14 3.13
C PRO A 216 -17.16 2.63 2.79
N SER A 217 -17.84 3.41 3.64
CA SER A 217 -17.89 4.86 3.44
C SER A 217 -16.49 5.47 3.53
N ASN A 218 -15.66 4.94 4.42
CA ASN A 218 -14.30 5.46 4.61
C ASN A 218 -13.54 4.45 5.45
N TRP A 219 -12.22 4.51 5.36
CA TRP A 219 -11.39 3.58 6.12
C TRP A 219 -10.04 4.21 6.41
N THR A 220 -9.32 3.58 7.33
CA THR A 220 -7.89 3.75 7.48
C THR A 220 -7.23 2.40 7.31
N TRP A 221 -6.15 2.36 6.53
CA TRP A 221 -5.34 1.16 6.34
C TRP A 221 -3.90 1.47 6.74
N PHE A 222 -3.31 0.57 7.51
CA PHE A 222 -1.91 0.66 7.89
C PHE A 222 -1.11 -0.47 7.27
N GLN A 223 0.07 -0.12 6.76
CA GLN A 223 1.06 -1.04 6.24
C GLN A 223 2.32 -0.85 7.07
N LEU A 224 2.69 -1.83 7.88
CA LEU A 224 3.75 -1.62 8.86
C LEU A 224 4.92 -2.59 8.68
N HIS A 225 6.13 -2.06 8.85
CA HIS A 225 7.37 -2.83 8.84
C HIS A 225 8.09 -2.64 10.17
N ILE A 226 8.62 -3.73 10.71
CA ILE A 226 9.42 -3.70 11.94
C ILE A 226 10.80 -4.27 11.61
N PRO A 227 11.77 -3.42 11.27
CA PRO A 227 13.03 -3.90 10.69
C PRO A 227 13.77 -4.96 11.50
N SER A 228 13.63 -4.99 12.83
CA SER A 228 14.35 -6.06 13.52
C SER A 228 13.73 -7.45 13.34
N THR A 229 12.62 -7.57 12.60
CA THR A 229 11.81 -8.77 12.59
C THR A 229 11.32 -9.07 11.18
N GLU A 230 10.66 -10.22 11.05
CA GLU A 230 9.98 -10.60 9.81
C GLU A 230 8.51 -10.22 9.81
N TYR A 231 8.05 -9.45 10.79
CA TYR A 231 6.64 -9.09 10.87
C TYR A 231 6.25 -8.07 9.81
N LYS A 232 5.22 -8.37 9.04
CA LYS A 232 4.64 -7.42 8.09
C LYS A 232 3.16 -7.32 8.41
N ILE A 233 2.67 -6.10 8.62
CA ILE A 233 1.33 -5.88 9.16
C ILE A 233 0.50 -5.13 8.13
N SER A 234 -0.70 -5.66 7.87
CA SER A 234 -1.68 -5.03 6.99
C SER A 234 -2.98 -4.91 7.79
N ALA A 235 -3.33 -3.69 8.20
CA ALA A 235 -4.39 -3.49 9.18
C ALA A 235 -5.49 -2.60 8.63
N TRP A 236 -6.74 -3.01 8.82
CA TRP A 236 -7.90 -2.29 8.30
C TRP A 236 -8.82 -1.86 9.44
N ILE A 237 -9.31 -0.62 9.35
CA ILE A 237 -10.32 -0.10 10.28
C ILE A 237 -11.41 0.60 9.47
N PHE A 238 -12.66 0.17 9.66
CA PHE A 238 -13.80 0.82 9.00
C PHE A 238 -15.08 0.26 9.60
N SER A 239 -16.18 0.98 9.39
CA SER A 239 -17.47 0.52 9.86
C SER A 239 -18.17 -0.33 8.81
N ASP A 240 -18.89 -1.34 9.29
CA ASP A 240 -19.74 -2.16 8.43
C ASP A 240 -21.19 -1.81 8.75
N PRO A 241 -21.85 -0.95 7.97
CA PRO A 241 -23.25 -0.60 8.26
C PRO A 241 -24.24 -1.63 7.78
N PHE A 242 -23.79 -2.65 7.04
CA PHE A 242 -24.69 -3.69 6.56
C PHE A 242 -24.89 -4.75 7.65
N ARG A 243 -23.80 -5.18 8.27
CA ARG A 243 -23.87 -6.06 9.43
C ARG A 243 -24.01 -5.31 10.74
N ASN A 244 -23.84 -3.99 10.71
CA ASN A 244 -23.82 -3.14 11.91
C ASN A 244 -22.77 -3.63 12.91
N THR A 245 -21.52 -3.65 12.44
CA THR A 245 -20.37 -3.99 13.25
C THR A 245 -19.23 -3.06 12.88
N GLU A 246 -18.17 -3.09 13.68
CA GLU A 246 -16.96 -2.31 13.42
C GLU A 246 -15.85 -3.26 13.02
N THR A 247 -15.27 -3.04 11.85
CA THR A 247 -14.11 -3.82 11.42
C THR A 247 -12.84 -3.16 11.90
N ARG A 248 -12.01 -3.91 12.63
CA ARG A 248 -10.80 -3.34 13.19
C ARG A 248 -9.84 -4.52 13.45
N PHE A 249 -8.94 -4.76 12.49
CA PHE A 249 -8.16 -5.99 12.60
C PHE A 249 -6.86 -5.84 11.81
N ALA A 250 -5.90 -6.67 12.19
CA ALA A 250 -4.62 -6.76 11.49
C ALA A 250 -4.43 -8.17 10.98
N THR A 251 -3.91 -8.29 9.76
CA THR A 251 -3.28 -9.51 9.28
C THR A 251 -1.77 -9.31 9.39
N ILE A 252 -1.11 -10.19 10.12
CA ILE A 252 0.32 -10.08 10.33
C ILE A 252 0.98 -11.31 9.75
N ARG A 253 1.86 -11.11 8.78
CA ARG A 253 2.69 -12.19 8.28
C ARG A 253 3.99 -12.19 9.07
N GLY A 254 4.32 -13.33 9.66
CA GLY A 254 5.57 -13.50 10.37
C GLY A 254 6.57 -14.29 9.56
N ALA A 255 7.40 -15.06 10.27
CA ALA A 255 8.33 -15.97 9.64
C ALA A 255 7.62 -17.26 9.24
N ASN A 256 8.21 -17.96 8.26
CA ASN A 256 7.79 -19.32 7.91
C ASN A 256 6.31 -19.39 7.51
N ASP A 257 5.82 -18.33 6.85
CA ASP A 257 4.44 -18.16 6.38
C ASP A 257 3.43 -17.96 7.52
N GLU A 258 3.85 -17.92 8.78
CA GLU A 258 2.89 -17.83 9.87
C GLU A 258 2.06 -16.55 9.76
N THR A 259 0.74 -16.67 9.91
CA THR A 259 -0.16 -15.55 9.67
C THR A 259 -1.08 -15.37 10.87
N LEU A 260 -1.09 -14.17 11.43
CA LEU A 260 -1.94 -13.81 12.57
C LEU A 260 -3.09 -12.93 12.10
N VAL A 261 -4.30 -13.27 12.53
CA VAL A 261 -5.48 -12.47 12.21
C VAL A 261 -6.06 -12.00 13.55
N LEU A 262 -5.83 -10.72 13.88
CA LEU A 262 -6.00 -10.26 15.25
C LEU A 262 -6.86 -9.00 15.31
N PRO A 263 -7.81 -8.94 16.24
CA PRO A 263 -8.53 -7.68 16.46
C PRO A 263 -7.60 -6.59 16.96
N LEU A 264 -7.99 -5.34 16.73
CA LEU A 264 -7.21 -4.21 17.25
C LEU A 264 -8.15 -3.10 17.72
N GLU A 265 -7.60 -2.23 18.56
CA GLU A 265 -8.26 -0.99 18.96
C GLU A 265 -7.55 0.17 18.27
N PHE A 266 -8.34 1.08 17.69
CA PHE A 266 -7.85 2.15 16.83
C PHE A 266 -8.19 3.48 17.46
N THR A 267 -7.20 4.35 17.61
CA THR A 267 -7.42 5.69 18.16
C THR A 267 -6.79 6.72 17.24
N PRO A 268 -7.58 7.50 16.50
CA PRO A 268 -7.00 8.60 15.74
C PRO A 268 -6.79 9.81 16.65
N ILE A 269 -5.66 10.47 16.47
CA ILE A 269 -5.25 11.57 17.35
C ILE A 269 -5.16 12.84 16.52
N TYR A 270 -5.85 13.89 16.98
CA TYR A 270 -5.99 15.11 16.21
C TYR A 270 -5.24 16.30 16.81
N LYS A 271 -4.25 16.03 17.68
CA LYS A 271 -3.36 17.11 18.11
C LYS A 271 -2.71 17.77 16.90
N ARG A 272 -2.31 16.97 15.91
CA ARG A 272 -1.82 17.44 14.63
C ARG A 272 -2.78 16.99 13.54
N THR A 273 -3.07 17.89 12.61
CA THR A 273 -4.03 17.60 11.56
C THR A 273 -3.52 18.13 10.24
N TYR A 274 -4.11 17.62 9.15
CA TYR A 274 -3.95 18.17 7.82
C TYR A 274 -5.32 18.33 7.19
N GLU A 275 -5.68 19.57 6.85
CA GLU A 275 -6.93 19.79 6.14
C GLU A 275 -6.78 19.45 4.67
N SER A 276 -7.70 18.64 4.15
CA SER A 276 -7.70 18.27 2.75
C SER A 276 -7.78 19.49 1.85
N ALA A 277 -7.05 19.45 0.73
CA ALA A 277 -7.18 20.48 -0.28
C ALA A 277 -8.59 20.55 -0.86
N THR A 278 -9.38 19.48 -0.73
CA THR A 278 -10.76 19.50 -1.21
C THR A 278 -11.68 20.30 -0.31
N GLY A 279 -11.24 20.64 0.89
CA GLY A 279 -12.07 21.28 1.87
C GLY A 279 -13.05 20.37 2.58
N ARG A 280 -13.01 19.06 2.31
CA ARG A 280 -14.08 18.18 2.74
C ARG A 280 -13.80 17.42 4.02
N VAL A 281 -12.54 17.33 4.46
CA VAL A 281 -12.21 16.46 5.58
C VAL A 281 -10.91 16.93 6.21
N THR A 282 -10.77 16.70 7.51
CA THR A 282 -9.57 16.97 8.28
C THR A 282 -8.93 15.63 8.65
N TYR A 283 -7.70 15.41 8.19
CA TYR A 283 -7.04 14.14 8.51
C TYR A 283 -6.30 14.24 9.85
N PRO A 284 -6.41 13.23 10.71
CA PRO A 284 -5.50 13.13 11.85
C PRO A 284 -4.10 12.74 11.36
N LEU A 285 -3.10 13.08 12.18
CA LEU A 285 -1.71 12.83 11.80
C LEU A 285 -0.94 11.99 12.81
N ASP A 286 -1.62 11.46 13.83
CA ASP A 286 -1.02 10.52 14.76
C ASP A 286 -2.08 9.50 15.14
N TRP A 287 -1.63 8.32 15.56
CA TRP A 287 -2.55 7.23 15.87
C TRP A 287 -1.97 6.37 16.99
N LYS A 288 -2.86 5.65 17.66
CA LYS A 288 -2.49 4.52 18.50
C LYS A 288 -3.21 3.27 17.99
N LEU A 289 -2.49 2.15 17.96
CA LEU A 289 -3.06 0.85 17.69
C LEU A 289 -2.70 -0.10 18.82
N LYS A 290 -3.69 -0.82 19.31
CA LYS A 290 -3.48 -1.89 20.28
C LYS A 290 -3.91 -3.18 19.57
N ILE A 291 -2.95 -4.01 19.16
CA ILE A 291 -3.27 -5.24 18.43
C ILE A 291 -3.34 -6.40 19.43
N SER A 292 -4.52 -7.02 19.54
CA SER A 292 -4.82 -7.94 20.63
C SER A 292 -3.83 -9.10 20.67
N GLY A 293 -3.17 -9.26 21.82
CA GLY A 293 -2.25 -10.34 22.03
C GLY A 293 -0.90 -10.15 21.39
N PHE A 294 -0.65 -9.02 20.72
CA PHE A 294 0.55 -8.83 19.92
C PHE A 294 1.38 -7.64 20.38
N GLY A 295 0.81 -6.43 20.42
CA GLY A 295 1.56 -5.29 20.88
C GLY A 295 0.76 -4.02 20.75
N ASP A 296 1.39 -2.92 21.15
N ASP A 296 1.37 -2.90 21.15
CA ASP A 296 0.82 -1.58 21.09
CA ASP A 296 0.74 -1.61 20.99
C ASP A 296 1.76 -0.67 20.31
C ASP A 296 1.73 -0.65 20.35
N PHE A 297 1.19 0.30 19.60
CA PHE A 297 2.00 1.14 18.72
C PHE A 297 1.51 2.58 18.77
N LYS A 298 2.47 3.51 18.70
CA LYS A 298 2.22 4.93 18.59
C LYS A 298 2.79 5.39 17.25
N LEU A 299 1.92 5.82 16.35
CA LEU A 299 2.30 6.06 14.96
C LEU A 299 2.13 7.54 14.61
N SER A 300 3.04 8.05 13.77
CA SER A 300 3.04 9.48 13.45
C SER A 300 3.33 9.67 11.97
N SER A 301 2.52 10.50 11.32
CA SER A 301 2.78 10.85 9.94
C SER A 301 4.08 11.64 9.84
N TYR A 302 4.88 11.32 8.83
CA TYR A 302 6.22 11.89 8.70
C TYR A 302 6.18 13.38 8.41
N THR A 303 5.22 13.82 7.61
CA THR A 303 5.03 15.23 7.29
C THR A 303 3.56 15.45 7.00
N GLU A 304 3.12 16.71 7.11
CA GLU A 304 1.69 17.00 7.13
C GLU A 304 1.02 16.69 5.80
N ASP A 305 1.51 17.28 4.71
CA ASP A 305 0.88 17.16 3.40
C ASP A 305 1.39 15.90 2.71
N GLN A 306 0.56 14.86 2.67
CA GLN A 306 0.80 13.66 1.87
C GLN A 306 -0.52 13.18 1.25
N GLU A 307 -1.27 14.13 0.68
CA GLU A 307 -2.59 13.86 0.14
C GLU A 307 -2.57 13.83 -1.38
N LEU A 308 -3.04 12.72 -1.95
CA LEU A 308 -3.37 12.64 -3.37
C LEU A 308 -4.71 13.31 -3.59
N VAL A 309 -4.75 14.37 -4.39
CA VAL A 309 -5.91 15.24 -4.49
C VAL A 309 -6.67 14.91 -5.77
N GLY A 310 -7.88 14.36 -5.62
CA GLY A 310 -8.72 14.02 -6.74
C GLY A 310 -9.84 15.04 -6.91
N GLU A 311 -10.68 14.77 -7.91
CA GLU A 311 -11.84 15.61 -8.14
C GLU A 311 -13.05 15.17 -7.32
N ASP A 312 -13.07 13.95 -6.81
CA ASP A 312 -14.16 13.47 -5.96
C ASP A 312 -13.55 12.68 -4.80
N ALA A 313 -14.40 12.06 -3.98
CA ALA A 313 -13.91 11.37 -2.80
C ALA A 313 -13.06 10.16 -3.15
N LEU A 314 -13.55 9.30 -4.05
CA LEU A 314 -12.82 8.06 -4.33
C LEU A 314 -11.48 8.33 -5.00
N GLN A 315 -11.32 9.47 -5.68
CA GLN A 315 -10.03 9.78 -6.30
C GLN A 315 -9.04 10.39 -5.31
N THR A 316 -9.45 10.68 -4.09
CA THR A 316 -8.65 11.41 -3.11
C THR A 316 -8.19 10.47 -2.01
N ALA A 317 -6.96 10.62 -1.53
CA ALA A 317 -6.54 9.81 -0.40
C ALA A 317 -5.38 10.47 0.33
N TYR A 318 -5.37 10.32 1.65
CA TYR A 318 -4.14 10.54 2.40
C TYR A 318 -3.30 9.27 2.29
N GLU A 319 -2.12 9.38 1.70
CA GLU A 319 -1.26 8.22 1.49
C GLU A 319 0.12 8.61 2.02
N GLY A 320 0.34 8.35 3.31
CA GLY A 320 1.44 8.98 4.01
C GLY A 320 2.46 8.03 4.59
N PHE A 321 3.73 8.34 4.36
CA PHE A 321 4.80 7.68 5.10
C PHE A 321 4.67 7.99 6.58
N ILE A 322 4.84 6.96 7.42
CA ILE A 322 4.70 7.08 8.87
C ILE A 322 5.87 6.38 9.54
N THR A 323 6.18 6.81 10.76
CA THR A 323 7.08 6.08 11.64
C THR A 323 6.33 5.73 12.92
N PHE A 324 6.85 4.76 13.66
CA PHE A 324 6.15 4.39 14.88
C PHE A 324 7.12 3.78 15.88
N SER A 325 6.71 3.84 17.14
CA SER A 325 7.32 3.08 18.22
C SER A 325 6.23 2.24 18.86
N GLY A 326 6.65 1.28 19.67
CA GLY A 326 5.71 0.48 20.43
C GLY A 326 6.39 -0.71 21.03
N ASN A 327 5.60 -1.74 21.33
CA ASN A 327 6.12 -2.98 21.84
C ASN A 327 5.49 -4.14 21.10
N VAL A 328 6.22 -5.23 21.01
CA VAL A 328 5.69 -6.51 20.54
C VAL A 328 6.02 -7.54 21.60
N HIS A 329 4.99 -8.14 22.19
CA HIS A 329 5.16 -9.11 23.27
C HIS A 329 6.06 -8.52 24.35
N SER A 330 5.77 -7.27 24.72
CA SER A 330 6.39 -6.53 25.81
C SER A 330 7.85 -6.18 25.54
N LYS A 331 8.32 -6.31 24.31
CA LYS A 331 9.67 -5.89 23.93
C LYS A 331 9.58 -4.66 23.04
N PRO A 332 10.34 -3.59 23.34
CA PRO A 332 10.22 -2.36 22.56
C PRO A 332 10.64 -2.55 21.12
N VAL A 333 9.89 -1.94 20.20
CA VAL A 333 10.21 -1.95 18.78
C VAL A 333 10.01 -0.55 18.21
N GLN A 334 10.54 -0.37 17.00
CA GLN A 334 10.26 0.80 16.20
C GLN A 334 10.17 0.38 14.74
N GLY A 335 9.53 1.19 13.93
CA GLY A 335 9.45 0.86 12.52
C GLY A 335 8.88 2.00 11.71
N TYR A 336 8.49 1.67 10.47
CA TYR A 336 7.99 2.64 9.52
C TYR A 336 6.95 1.95 8.64
N GLY A 337 6.29 2.75 7.83
CA GLY A 337 5.31 2.17 6.90
C GLY A 337 4.48 3.25 6.26
N LEU A 338 3.22 2.91 6.01
CA LEU A 338 2.32 3.84 5.33
C LEU A 338 0.94 3.78 5.95
N VAL A 339 0.30 4.94 6.04
CA VAL A 339 -1.11 5.04 6.40
C VAL A 339 -1.88 5.51 5.17
N GLU A 340 -2.99 4.83 4.88
CA GLU A 340 -3.94 5.27 3.87
C GLU A 340 -5.23 5.68 4.55
N ILE A 341 -5.72 6.88 4.21
CA ILE A 341 -7.01 7.37 4.69
C ILE A 341 -7.85 7.69 3.47
N VAL A 342 -8.96 6.97 3.32
CA VAL A 342 -9.79 7.07 2.13
C VAL A 342 -11.23 7.28 2.55
N TYR A 343 -11.91 8.21 1.88
CA TYR A 343 -13.36 8.35 1.90
C TYR A 343 -13.88 7.96 0.52
N SER A 344 -14.75 6.95 0.47
CA SER A 344 -15.41 6.65 -0.79
C SER A 344 -16.57 7.60 -1.03
N THR A 345 -17.03 8.26 0.02
CA THR A 345 -17.99 9.35 -0.07
C THR A 345 -17.72 10.29 1.09
N TRP A 346 -17.97 11.57 0.88
CA TRP A 346 -17.85 12.54 1.94
C TRP A 346 -19.16 12.69 2.73
N ASP A 347 -20.21 11.97 2.35
CA ASP A 347 -21.45 11.88 3.12
C ASP A 347 -21.52 10.50 3.78
N VAL A 348 -20.71 10.33 4.82
CA VAL A 348 -20.48 9.01 5.40
C VAL A 348 -21.72 8.45 6.08
#